data_4EWC
#
_entry.id   4EWC
#
_cell.length_a   112.983
_cell.length_b   112.983
_cell.length_c   103.310
_cell.angle_alpha   90.000
_cell.angle_beta   90.000
_cell.angle_gamma   90.000
#
_symmetry.space_group_name_H-M   'P 41 21 2'
#
loop_
_entity.id
_entity.type
_entity.pdbx_description
1 polymer 'Putative nucleoprotein'
2 water water
#
_entity_poly.entity_id   1
_entity_poly.type   'polypeptide(L)'
_entity_poly.pdbx_seq_one_letter_code
;(MSE)GHHHHHHADKG(MSE)TYSFDVRDNTLVVRRSTATKSGIKISYREDRGTSLLQKAFAGTEDEFWVELDQDVYVDK
KIRKFLEEEK(MSE)KD(MSE)STRVSGAVAAAIERSVEFDNFSKEAAANIE(MSE)AGVDDEEAGGSGLVDNKRKNKGV
SN(MSE)AYNLSLFIG(MSE)VFPALTTFFSAILSEGE(MSE)SIWQNGQAI(MSE)RILALADEDGKRQTRTGGQRVD
(MSE)ADVTKLNVVTANGKVKQVEVNLNDLKAAFRQSRPKRSDYRKGQGSKATESSISNQC(MSE)ALI(MSE)KSVLSA
DQLFAPGVK(MSE)(MSE)RTNGFNASYTTLAEGANIPSKYLRH(MSE)RNCGGVALDL(MSE)G(MSE)KRIKNSPEGA
KSKIFSIIQKKVRGRCRTEEQRLLTSALKISDGENKFQRI(MSE)DTLCTSFLIDPPRTTKCFIPPISSL(MSE)(MSE)
YIQEGNSVLA(MSE)DF(MSE)KNGEDACKICREAKLKVGVNSTFT(MSE)SVARTCVAVS(MSE)VATAFCSADIIENA
VPGSERYRSNIKANTTKPKKDSTYTIQGLRLSNVRYEARPETSQSNTDRSWQVNVTDSFGGLAVFNQGAIRE(MSE)LGD
GTSETTSVNVRALVKRILKSASERSARAVKTF(MSE)VGEQGKSAIVISGVGLFSIDFEGVEEAERITD(MSE)TP
;
_entity_poly.pdbx_strand_id   A
#
# COMPACT_ATOMS: atom_id res chain seq x y z
N GLY A 12 11.73 19.32 -38.73
CA GLY A 12 11.86 20.01 -37.46
C GLY A 12 12.04 21.50 -37.64
N THR A 14 11.31 23.84 -34.26
CA THR A 14 11.43 24.27 -32.87
C THR A 14 11.20 23.12 -31.88
N TYR A 15 11.92 23.16 -30.75
CA TYR A 15 11.86 22.10 -29.74
C TYR A 15 11.62 22.62 -28.32
N SER A 16 10.97 21.80 -27.49
CA SER A 16 10.65 22.19 -26.12
C SER A 16 10.24 20.98 -25.26
N PHE A 17 10.10 21.19 -23.96
CA PHE A 17 9.56 20.18 -23.06
C PHE A 17 8.13 20.56 -22.70
N ASP A 18 7.25 19.56 -22.59
CA ASP A 18 5.85 19.79 -22.26
C ASP A 18 5.31 18.59 -21.49
N VAL A 19 4.09 18.71 -20.97
CA VAL A 19 3.41 17.58 -20.32
C VAL A 19 2.09 17.25 -21.03
N ARG A 20 2.15 16.36 -22.02
CA ARG A 20 0.95 16.03 -22.80
C ARG A 20 -0.19 15.52 -21.92
N ASP A 21 -0.03 14.31 -21.39
CA ASP A 21 -0.99 13.77 -20.45
C ASP A 21 -0.49 14.09 -19.04
N ASN A 22 -0.07 13.05 -18.33
CA ASN A 22 0.55 13.23 -17.03
C ASN A 22 2.06 12.89 -17.08
N THR A 23 2.59 12.75 -18.29
CA THR A 23 4.03 12.51 -18.51
C THR A 23 4.70 13.68 -19.23
N LEU A 24 6.03 13.77 -19.14
CA LEU A 24 6.79 14.84 -19.81
C LEU A 24 7.48 14.35 -21.08
N VAL A 25 7.15 15.02 -22.19
CA VAL A 25 7.51 14.59 -23.53
C VAL A 25 8.24 15.69 -24.29
N VAL A 26 8.82 15.35 -25.44
CA VAL A 26 9.51 16.35 -26.27
C VAL A 26 8.62 16.89 -27.38
N ARG A 27 8.32 18.18 -27.33
CA ARG A 27 7.40 18.83 -28.27
C ARG A 27 8.09 19.57 -29.41
N ARG A 28 7.82 19.12 -30.64
CA ARG A 28 8.41 19.73 -31.83
C ARG A 28 7.39 20.53 -32.65
N SER A 29 7.67 21.81 -32.85
CA SER A 29 6.84 22.66 -33.68
C SER A 29 7.53 22.92 -35.02
N THR A 30 6.82 22.68 -36.11
CA THR A 30 7.30 23.00 -37.44
C THR A 30 6.38 24.03 -38.07
N ALA A 31 6.94 25.14 -38.53
CA ALA A 31 6.15 26.21 -39.11
C ALA A 31 6.45 26.40 -40.58
N THR A 32 5.42 26.66 -41.38
CA THR A 32 5.57 26.82 -42.82
C THR A 32 4.59 27.85 -43.38
N SER A 34 -0.80 25.24 -44.38
CA SER A 34 0.65 25.34 -44.25
C SER A 34 0.91 26.42 -43.22
N GLY A 35 0.68 26.04 -41.96
CA GLY A 35 0.95 26.91 -40.83
C GLY A 35 1.92 26.26 -39.87
N ILE A 36 1.43 25.77 -38.74
CA ILE A 36 2.25 25.15 -37.70
C ILE A 36 1.75 23.75 -37.33
N LYS A 37 2.63 22.77 -37.40
CA LYS A 37 2.24 21.41 -37.03
C LYS A 37 2.98 20.90 -35.78
N ILE A 38 2.24 20.23 -34.89
CA ILE A 38 2.77 19.83 -33.59
C ILE A 38 3.04 18.33 -33.52
N SER A 39 4.28 17.98 -33.18
CA SER A 39 4.68 16.58 -33.05
C SER A 39 5.30 16.32 -31.68
N TYR A 40 5.09 15.12 -31.17
CA TYR A 40 5.69 14.74 -29.90
C TYR A 40 6.71 13.63 -30.12
N ARG A 41 7.95 14.01 -30.38
CA ARG A 41 9.00 13.06 -30.74
C ARG A 41 9.33 12.14 -29.59
N GLU A 42 9.20 10.84 -29.84
CA GLU A 42 9.42 9.82 -28.82
C GLU A 42 10.83 9.26 -28.94
N ASP A 43 11.65 9.90 -29.77
CA ASP A 43 13.02 9.48 -29.99
C ASP A 43 13.88 9.56 -28.73
N ARG A 44 13.76 10.67 -28.00
CA ARG A 44 14.52 10.88 -26.75
C ARG A 44 16.04 10.68 -26.89
N GLY A 45 16.60 11.14 -28.00
CA GLY A 45 18.02 10.98 -28.28
C GLY A 45 18.93 11.96 -27.54
N LEU A 48 18.93 15.48 -29.39
CA LEU A 48 17.57 16.01 -29.42
C LEU A 48 17.20 16.66 -28.10
N LEU A 49 17.56 15.98 -27.01
CA LEU A 49 17.13 16.39 -25.68
C LEU A 49 17.70 17.76 -25.29
N GLN A 50 18.80 18.14 -25.95
CA GLN A 50 19.45 19.41 -25.68
C GLN A 50 18.63 20.62 -26.14
N LYS A 51 18.10 20.54 -27.37
CA LYS A 51 17.33 21.64 -27.95
C LYS A 51 16.03 21.94 -27.19
N ALA A 52 15.47 20.91 -26.57
CA ALA A 52 14.26 21.03 -25.77
C ALA A 52 14.39 22.06 -24.65
N VAL A 68 4.24 14.80 -14.84
CA VAL A 68 4.82 14.22 -13.63
C VAL A 68 5.92 13.18 -13.93
N TYR A 69 5.71 12.29 -14.90
CA TYR A 69 6.69 11.23 -15.18
C TYR A 69 7.85 11.66 -16.09
N VAL A 70 9.04 11.76 -15.51
CA VAL A 70 10.21 12.25 -16.26
C VAL A 70 10.88 11.21 -17.17
N ASP A 71 10.74 9.93 -16.83
CA ASP A 71 11.31 8.86 -17.65
C ASP A 71 12.82 8.80 -17.59
N LYS A 72 13.37 7.66 -18.00
CA LYS A 72 14.76 7.32 -17.71
C LYS A 72 15.76 8.13 -18.50
N LYS A 73 15.67 8.07 -19.82
CA LYS A 73 16.65 8.75 -20.66
C LYS A 73 16.68 10.25 -20.36
N ILE A 74 15.52 10.85 -20.16
CA ILE A 74 15.44 12.29 -19.86
C ILE A 74 15.95 12.60 -18.45
N ARG A 75 15.83 11.66 -17.52
CA ARG A 75 16.28 11.91 -16.16
C ARG A 75 17.80 11.76 -16.05
N LYS A 76 18.36 10.89 -16.89
CA LYS A 76 19.80 10.69 -16.96
C LYS A 76 20.48 11.90 -17.60
N PHE A 77 19.85 12.45 -18.63
CA PHE A 77 20.37 13.62 -19.34
C PHE A 77 20.22 14.88 -18.49
N LEU A 78 19.13 14.98 -17.75
CA LEU A 78 18.90 16.13 -16.90
C LEU A 78 19.76 16.09 -15.62
N GLU A 79 20.12 14.88 -15.17
CA GLU A 79 20.98 14.73 -14.00
C GLU A 79 22.45 14.90 -14.38
N GLU A 80 22.88 14.20 -15.42
CA GLU A 80 24.23 14.34 -15.96
C GLU A 80 24.56 15.80 -16.30
N GLU A 81 23.98 16.33 -17.38
CA GLU A 81 24.22 17.72 -17.78
C GLU A 81 23.10 18.66 -17.30
N LYS A 82 23.36 19.97 -17.32
CA LYS A 82 22.34 20.98 -16.98
C LYS A 82 21.73 20.88 -15.58
N ALA A 93 11.50 21.33 -7.73
CA ALA A 93 10.34 20.72 -8.38
C ALA A 93 10.79 19.65 -9.36
N VAL A 94 11.89 19.93 -10.05
CA VAL A 94 12.51 19.01 -10.98
C VAL A 94 13.09 17.76 -10.28
N ALA A 95 13.53 17.92 -9.04
CA ALA A 95 14.14 16.81 -8.32
C ALA A 95 13.09 15.94 -7.63
N ALA A 96 11.94 16.54 -7.35
CA ALA A 96 10.87 15.85 -6.65
C ALA A 96 10.08 14.96 -7.61
N ALA A 97 9.68 15.53 -8.74
CA ALA A 97 8.94 14.79 -9.75
C ALA A 97 9.80 13.70 -10.38
N ILE A 98 11.09 13.71 -10.10
CA ILE A 98 11.97 12.64 -10.60
C ILE A 98 12.25 11.57 -9.54
N GLU A 99 12.15 11.95 -8.27
CA GLU A 99 12.27 10.98 -7.17
C GLU A 99 11.02 10.11 -7.14
N ARG A 100 9.86 10.75 -7.33
CA ARG A 100 8.60 10.05 -7.48
C ARG A 100 8.55 9.23 -8.76
N SER A 101 9.32 9.63 -9.78
CA SER A 101 9.28 8.95 -11.07
C SER A 101 10.08 7.65 -11.06
N VAL A 102 11.29 7.70 -10.52
CA VAL A 102 12.10 6.48 -10.40
C VAL A 102 11.51 5.51 -9.35
N GLU A 103 10.93 6.08 -8.29
CA GLU A 103 10.19 5.31 -7.30
C GLU A 103 9.07 4.54 -8.00
N PHE A 104 8.33 5.25 -8.84
CA PHE A 104 7.28 4.65 -9.62
C PHE A 104 7.82 3.50 -10.48
N ASP A 105 8.98 3.71 -11.09
CA ASP A 105 9.60 2.68 -11.93
C ASP A 105 9.87 1.39 -11.15
N ASN A 106 10.27 1.54 -9.89
CA ASN A 106 10.51 0.40 -9.02
C ASN A 106 9.21 -0.30 -8.62
N PHE A 107 8.25 0.49 -8.16
CA PHE A 107 6.89 0.03 -7.86
C PHE A 107 6.31 -0.76 -9.02
N SER A 108 6.40 -0.18 -10.22
CA SER A 108 5.84 -0.81 -11.43
C SER A 108 6.55 -2.10 -11.83
N LYS A 109 7.86 -2.15 -11.62
CA LYS A 109 8.64 -3.36 -11.90
C LYS A 109 8.21 -4.45 -10.93
N GLU A 110 8.03 -4.07 -9.67
CA GLU A 110 7.64 -5.06 -8.69
C GLU A 110 6.21 -5.53 -8.94
N ALA A 111 5.33 -4.59 -9.27
CA ALA A 111 3.96 -4.92 -9.64
C ALA A 111 3.90 -5.78 -10.91
N ALA A 112 4.82 -5.53 -11.84
CA ALA A 112 4.85 -6.24 -13.11
C ALA A 112 5.48 -7.61 -12.96
N ALA A 113 6.01 -7.88 -11.78
CA ALA A 113 6.49 -9.22 -11.44
C ALA A 113 5.29 -9.99 -10.96
N ASN A 114 4.46 -9.28 -10.20
CA ASN A 114 3.30 -9.85 -9.55
C ASN A 114 2.13 -10.12 -10.48
N ILE A 115 1.95 -9.27 -11.50
CA ILE A 115 0.87 -9.51 -12.46
C ILE A 115 1.17 -10.71 -13.34
N GLU A 116 2.44 -10.94 -13.67
CA GLU A 116 2.80 -12.11 -14.47
C GLU A 116 2.67 -13.41 -13.66
N ALA A 118 0.47 -14.07 -11.43
CA ALA A 118 -0.94 -14.42 -11.26
C ALA A 118 -1.28 -15.80 -11.84
N GLY A 119 -0.59 -16.21 -12.90
CA GLY A 119 -0.78 -17.52 -13.48
C GLY A 119 0.15 -18.58 -12.94
N VAL A 140 -3.86 -18.36 18.44
CA VAL A 140 -4.76 -19.50 18.20
C VAL A 140 -4.62 -20.11 16.79
N SER A 141 -4.93 -19.33 15.76
CA SER A 141 -4.84 -19.88 14.40
C SER A 141 -3.39 -20.20 14.05
N ASN A 142 -3.20 -21.12 13.12
CA ASN A 142 -1.85 -21.60 12.79
C ASN A 142 -1.01 -20.49 12.26
N ALA A 144 -1.37 -17.40 12.63
CA ALA A 144 -1.04 -16.43 13.68
C ALA A 144 0.13 -16.92 14.52
N TYR A 145 0.05 -18.15 15.00
CA TYR A 145 1.10 -18.73 15.84
C TYR A 145 2.43 -18.78 15.10
N ASN A 146 2.36 -19.08 13.81
CA ASN A 146 3.55 -19.16 12.97
C ASN A 146 4.22 -17.82 12.78
N LEU A 147 3.38 -16.81 12.56
CA LEU A 147 3.87 -15.45 12.41
C LEU A 147 4.50 -14.95 13.71
N SER A 148 3.88 -15.24 14.86
CA SER A 148 4.48 -14.84 16.14
C SER A 148 5.78 -15.58 16.42
N LEU A 149 5.83 -16.84 16.00
CA LEU A 149 7.04 -17.63 16.19
C LEU A 149 8.15 -17.06 15.33
N PHE A 150 7.82 -16.87 14.05
CA PHE A 150 8.70 -16.24 13.09
C PHE A 150 9.27 -14.94 13.63
N ILE A 151 8.40 -14.04 14.08
CA ILE A 151 8.86 -12.76 14.58
C ILE A 151 9.75 -12.92 15.81
N GLY A 152 9.27 -13.68 16.79
CA GLY A 152 10.06 -13.95 17.99
C GLY A 152 11.45 -14.54 17.77
N VAL A 154 13.15 -14.29 14.46
CA VAL A 154 13.85 -13.51 13.47
C VAL A 154 14.28 -12.14 14.02
N PHE A 155 13.37 -11.42 14.66
CA PHE A 155 13.69 -10.07 15.20
C PHE A 155 14.92 -9.98 16.13
N PRO A 156 15.07 -10.92 17.10
CA PRO A 156 16.30 -10.89 17.90
C PRO A 156 17.55 -11.00 17.02
N ALA A 157 17.50 -11.87 16.01
CA ALA A 157 18.63 -12.04 15.08
C ALA A 157 18.89 -10.77 14.29
N LEU A 158 17.84 -10.02 14.00
CA LEU A 158 18.00 -8.73 13.36
C LEU A 158 18.60 -7.73 14.35
N THR A 159 18.19 -7.81 15.62
CA THR A 159 18.73 -6.92 16.60
C THR A 159 20.24 -7.12 16.68
N THR A 160 20.65 -8.38 16.74
CA THR A 160 22.06 -8.76 16.85
C THR A 160 22.91 -8.40 15.64
N PHE A 161 22.40 -8.72 14.46
CA PHE A 161 23.10 -8.37 13.23
C PHE A 161 23.36 -6.88 13.15
N PHE A 162 22.33 -6.07 13.39
CA PHE A 162 22.47 -4.63 13.18
C PHE A 162 23.18 -3.86 14.29
N SER A 163 23.53 -4.57 15.35
CA SER A 163 24.29 -4.02 16.48
C SER A 163 25.73 -3.84 16.07
N ALA A 164 26.09 -4.51 14.98
CA ALA A 164 27.41 -4.39 14.37
C ALA A 164 27.46 -3.08 13.59
N ILE A 165 26.30 -2.61 13.15
CA ILE A 165 26.22 -1.57 12.14
C ILE A 165 25.65 -0.28 12.71
N LEU A 166 24.73 -0.43 13.65
CA LEU A 166 23.96 0.68 14.17
C LEU A 166 24.12 0.75 15.65
N SER A 167 23.85 1.94 16.18
CA SER A 167 23.83 2.14 17.61
C SER A 167 22.49 1.66 18.11
N GLU A 168 22.31 1.80 19.41
CA GLU A 168 21.09 1.44 20.08
C GLU A 168 19.99 2.46 19.75
N GLY A 169 20.33 3.73 19.87
CA GLY A 169 19.37 4.80 19.67
C GLY A 169 18.87 4.79 18.24
N GLU A 170 19.77 4.46 17.32
CA GLU A 170 19.46 4.40 15.91
C GLU A 170 18.37 3.36 15.60
N SER A 172 16.05 2.55 17.45
CA SER A 172 14.77 2.99 18.02
C SER A 172 14.10 4.05 17.11
N ILE A 173 14.79 4.44 16.06
CA ILE A 173 14.26 5.41 15.12
C ILE A 173 13.43 4.73 14.03
N TRP A 174 12.19 5.18 13.93
CA TRP A 174 11.19 4.62 13.01
C TRP A 174 11.72 4.30 11.60
N GLN A 175 12.28 5.32 10.95
CA GLN A 175 12.85 5.16 9.62
C GLN A 175 13.78 3.96 9.54
N ASN A 176 14.48 3.68 10.64
CA ASN A 176 15.49 2.63 10.62
C ASN A 176 14.89 1.19 10.66
N GLY A 177 13.85 0.98 11.45
CA GLY A 177 13.10 -0.25 11.37
C GLY A 177 12.62 -0.57 9.95
N GLN A 178 11.99 0.41 9.31
CA GLN A 178 11.60 0.30 7.90
C GLN A 178 12.77 -0.11 7.03
N ALA A 179 13.90 0.56 7.23
CA ALA A 179 15.10 0.32 6.46
C ALA A 179 15.61 -1.11 6.64
N ILE A 180 15.53 -1.61 7.87
CA ILE A 180 15.99 -2.96 8.20
C ILE A 180 15.17 -4.04 7.47
N ARG A 182 13.46 -3.63 4.71
CA ARG A 182 13.61 -3.47 3.28
C ARG A 182 14.90 -4.13 2.84
N ILE A 183 15.95 -3.92 3.63
CA ILE A 183 17.23 -4.54 3.34
C ILE A 183 17.16 -6.05 3.56
N LEU A 184 16.39 -6.46 4.57
CA LEU A 184 16.20 -7.87 4.83
C LEU A 184 15.54 -8.53 3.64
N ALA A 185 14.42 -7.95 3.21
CA ALA A 185 13.72 -8.45 2.02
C ALA A 185 14.69 -8.53 0.85
N LEU A 186 15.49 -7.50 0.68
CA LEU A 186 16.54 -7.49 -0.34
C LEU A 186 17.53 -8.68 -0.22
N ALA A 187 18.06 -8.91 0.98
CA ALA A 187 19.00 -10.01 1.20
C ALA A 187 18.39 -11.39 0.93
N ASP A 188 17.17 -11.58 1.41
CA ASP A 188 16.47 -12.84 1.20
C ASP A 188 16.17 -13.13 -0.28
N GLU A 189 16.26 -12.11 -1.13
CA GLU A 189 16.04 -12.26 -2.58
C GLU A 189 17.34 -12.54 -3.35
N THR A 208 27.23 -6.88 -0.66
CA THR A 208 27.33 -5.68 0.21
C THR A 208 26.77 -4.40 -0.42
N LYS A 209 25.58 -4.00 0.00
CA LYS A 209 24.98 -2.75 -0.46
C LYS A 209 25.15 -1.63 0.57
N LEU A 210 24.88 -0.40 0.16
CA LEU A 210 24.84 0.70 1.12
C LEU A 210 23.42 0.83 1.67
N ASN A 211 23.33 1.48 2.81
CA ASN A 211 22.08 1.61 3.51
C ASN A 211 22.00 2.99 4.16
N VAL A 212 20.95 3.73 3.83
CA VAL A 212 20.76 5.07 4.36
C VAL A 212 20.13 5.05 5.77
N VAL A 213 20.86 5.58 6.75
CA VAL A 213 20.47 5.50 8.16
C VAL A 213 20.31 6.90 8.78
N THR A 214 19.27 7.08 9.59
CA THR A 214 19.09 8.32 10.33
C THR A 214 19.90 8.30 11.63
N ALA A 215 20.68 9.36 11.89
CA ALA A 215 21.67 9.36 12.99
C ALA A 215 21.27 10.24 14.17
N ASN A 216 21.74 11.49 14.14
CA ASN A 216 21.39 12.52 15.12
C ASN A 216 20.64 13.63 14.37
N GLY A 217 19.65 13.23 13.59
CA GLY A 217 18.90 14.14 12.74
C GLY A 217 19.50 14.05 11.37
N LYS A 218 20.76 13.63 11.33
CA LYS A 218 21.52 13.59 10.07
C LYS A 218 21.51 12.20 9.49
N VAL A 219 21.63 12.10 8.17
CA VAL A 219 21.62 10.80 7.50
C VAL A 219 23.02 10.26 7.19
N LYS A 220 23.31 9.05 7.64
CA LYS A 220 24.57 8.38 7.29
C LYS A 220 24.36 7.17 6.37
N GLN A 221 25.36 6.86 5.56
CA GLN A 221 25.30 5.66 4.75
C GLN A 221 26.23 4.57 5.30
N VAL A 222 25.63 3.55 5.89
CA VAL A 222 26.36 2.40 6.37
C VAL A 222 26.35 1.29 5.34
N GLU A 223 27.21 0.30 5.53
CA GLU A 223 27.35 -0.79 4.58
C GLU A 223 26.82 -2.08 5.17
N VAL A 224 26.00 -2.76 4.39
CA VAL A 224 25.44 -4.04 4.82
C VAL A 224 25.89 -5.14 3.90
N ASN A 225 26.41 -6.21 4.47
CA ASN A 225 26.76 -7.39 3.70
C ASN A 225 25.57 -8.33 3.61
N LEU A 226 24.97 -8.40 2.42
CA LEU A 226 23.73 -9.14 2.23
C LEU A 226 23.86 -10.66 2.38
N ASN A 227 25.02 -11.22 2.08
CA ASN A 227 25.25 -12.66 2.34
C ASN A 227 25.21 -12.98 3.82
N ASP A 228 25.88 -12.16 4.61
CA ASP A 228 25.83 -12.34 6.05
C ASP A 228 24.39 -12.22 6.51
N LEU A 229 23.71 -11.18 6.01
CA LEU A 229 22.32 -10.95 6.41
C LEU A 229 21.40 -12.11 6.01
N LYS A 230 21.62 -12.65 4.82
CA LYS A 230 20.82 -13.75 4.33
C LYS A 230 21.03 -15.01 5.17
N ALA A 231 22.31 -15.37 5.33
CA ALA A 231 22.70 -16.54 6.12
C ALA A 231 22.20 -16.49 7.57
N ALA A 232 22.27 -15.31 8.17
CA ALA A 232 21.81 -15.08 9.53
C ALA A 232 20.31 -15.31 9.61
N PHE A 233 19.60 -14.74 8.65
CA PHE A 233 18.17 -14.94 8.52
C PHE A 233 17.79 -16.44 8.34
N ARG A 234 18.36 -17.10 7.33
CA ARG A 234 18.05 -18.50 7.03
C ARG A 234 18.28 -19.48 8.20
N GLN A 235 19.21 -19.13 9.09
CA GLN A 235 19.54 -19.97 10.23
C GLN A 235 18.74 -19.63 11.45
N SER A 236 18.41 -18.36 11.59
CA SER A 236 17.70 -17.90 12.76
C SER A 236 16.22 -18.19 12.70
N ARG A 237 15.67 -18.28 11.49
CA ARG A 237 14.23 -18.37 11.37
C ARG A 237 13.69 -19.74 11.79
N PRO A 238 12.39 -19.84 12.11
CA PRO A 238 11.89 -21.12 12.63
C PRO A 238 12.08 -22.25 11.63
N LYS A 239 12.21 -23.48 12.14
CA LYS A 239 12.36 -24.65 11.29
C LYS A 239 10.97 -25.17 10.94
N ARG A 240 10.91 -26.06 9.95
CA ARG A 240 9.65 -26.68 9.56
C ARG A 240 8.91 -27.31 10.73
N SER A 241 9.66 -27.87 11.69
CA SER A 241 9.03 -28.56 12.81
C SER A 241 8.53 -27.59 13.85
N ASP A 242 9.12 -26.40 13.86
CA ASP A 242 8.73 -25.38 14.81
C ASP A 242 7.30 -24.87 14.56
N TYR A 243 6.92 -24.80 13.28
CA TYR A 243 5.60 -24.30 12.88
C TYR A 243 4.45 -25.30 13.12
N ARG A 244 3.26 -24.77 13.36
CA ARG A 244 2.04 -25.55 13.30
C ARG A 244 1.51 -25.60 11.87
N LYS A 245 1.37 -26.81 11.35
CA LYS A 245 0.86 -27.02 10.01
C LYS A 245 -0.24 -28.07 10.09
N GLY A 246 -1.25 -27.95 9.23
CA GLY A 246 -2.35 -28.91 9.22
C GLY A 246 -1.85 -30.26 8.77
N GLN A 247 -2.62 -31.32 9.02
CA GLN A 247 -2.14 -32.66 8.67
C GLN A 247 -1.93 -32.81 7.17
N GLY A 248 -0.83 -33.46 6.81
CA GLY A 248 -0.48 -33.67 5.40
C GLY A 248 -0.13 -32.41 4.62
N SER A 249 0.33 -31.39 5.34
CA SER A 249 0.70 -30.11 4.74
C SER A 249 1.98 -30.24 3.91
N LYS A 250 2.00 -29.64 2.73
CA LYS A 250 3.20 -29.62 1.90
C LYS A 250 4.13 -28.46 2.31
N ALA A 251 3.64 -27.60 3.19
CA ALA A 251 4.36 -26.42 3.65
C ALA A 251 5.80 -26.72 4.09
N THR A 252 6.73 -25.88 3.69
CA THR A 252 8.11 -26.06 4.10
C THR A 252 8.60 -24.87 4.94
N GLU A 253 9.85 -24.93 5.38
CA GLU A 253 10.46 -23.85 6.14
C GLU A 253 10.45 -22.57 5.32
N SER A 254 10.99 -22.67 4.11
CA SER A 254 11.02 -21.57 3.15
C SER A 254 9.62 -21.05 2.90
N SER A 255 8.69 -21.98 2.69
CA SER A 255 7.30 -21.69 2.35
C SER A 255 6.62 -20.81 3.40
N ILE A 256 6.79 -21.18 4.65
CA ILE A 256 6.13 -20.46 5.73
C ILE A 256 6.83 -19.12 5.98
N SER A 257 8.17 -19.14 5.95
CA SER A 257 8.96 -17.94 6.02
C SER A 257 8.38 -16.92 5.01
N ASN A 258 8.23 -17.35 3.76
CA ASN A 258 7.65 -16.50 2.75
C ASN A 258 6.24 -15.98 3.06
N GLN A 259 5.40 -16.81 3.66
CA GLN A 259 4.08 -16.34 4.08
C GLN A 259 4.20 -15.19 5.10
N CYS A 260 5.04 -15.39 6.11
CA CYS A 260 5.33 -14.37 7.12
C CYS A 260 5.92 -13.09 6.52
N ALA A 262 5.49 -12.06 3.48
CA ALA A 262 4.39 -11.42 2.78
C ALA A 262 3.51 -10.61 3.73
N LEU A 263 3.25 -11.14 4.93
CA LEU A 263 2.38 -10.46 5.87
C LEU A 263 3.03 -9.21 6.43
N ILE A 264 4.33 -9.36 6.73
CA ILE A 264 5.14 -8.25 7.25
C ILE A 264 5.49 -7.20 6.17
N LYS A 266 3.65 -6.56 3.57
CA LYS A 266 2.40 -5.83 3.37
C LYS A 266 2.28 -4.63 4.33
N SER A 267 2.69 -4.81 5.57
CA SER A 267 2.60 -3.72 6.53
C SER A 267 3.62 -2.63 6.25
N VAL A 268 4.87 -3.02 6.06
CA VAL A 268 5.98 -2.07 5.94
C VAL A 268 5.84 -1.22 4.69
N LEU A 269 5.42 -1.88 3.60
CA LEU A 269 5.34 -1.23 2.31
C LEU A 269 4.08 -0.40 2.12
N SER A 270 3.08 -0.58 2.98
CA SER A 270 1.82 0.12 2.78
C SER A 270 1.94 1.64 2.95
N ALA A 271 3.01 2.08 3.62
CA ALA A 271 3.24 3.50 3.79
C ALA A 271 3.66 4.15 2.48
N ASP A 272 4.32 3.38 1.63
CA ASP A 272 4.66 3.90 0.29
C ASP A 272 3.44 4.17 -0.53
N GLN A 273 2.41 3.34 -0.39
CA GLN A 273 1.20 3.57 -1.17
C GLN A 273 0.45 4.79 -0.70
N LEU A 274 0.81 5.30 0.48
CA LEU A 274 0.32 6.59 0.91
C LEU A 274 0.87 7.66 -0.05
N PHE A 275 2.15 7.53 -0.37
CA PHE A 275 2.80 8.51 -1.23
C PHE A 275 2.60 8.27 -2.70
N ALA A 276 2.52 7.01 -3.10
CA ALA A 276 2.23 6.70 -4.50
C ALA A 276 1.28 5.49 -4.61
N PRO A 277 -0.02 5.75 -4.47
CA PRO A 277 -1.11 4.76 -4.40
C PRO A 277 -1.12 3.77 -5.54
N GLY A 278 -0.68 4.22 -6.72
CA GLY A 278 -0.69 3.39 -7.89
C GLY A 278 -1.63 3.89 -8.99
N VAL A 279 -2.08 5.13 -8.88
CA VAL A 279 -2.98 5.74 -9.88
C VAL A 279 -2.40 5.65 -11.29
N LYS A 280 -1.15 6.05 -11.43
CA LYS A 280 -0.47 6.02 -12.70
C LYS A 280 -0.48 4.63 -13.33
N ARG A 283 -3.97 3.79 -14.64
CA ARG A 283 -4.23 4.58 -15.85
C ARG A 283 -3.45 4.03 -17.06
N THR A 284 -2.22 3.58 -16.82
CA THR A 284 -1.34 3.07 -17.86
C THR A 284 -1.81 1.72 -18.36
N ASN A 285 -2.62 1.06 -17.55
CA ASN A 285 -3.16 -0.24 -17.95
C ASN A 285 -4.61 -0.13 -18.41
N GLY A 286 -5.12 1.10 -18.46
CA GLY A 286 -6.43 1.35 -18.99
C GLY A 286 -7.55 1.11 -18.01
N PHE A 287 -7.23 1.21 -16.71
CA PHE A 287 -8.24 1.13 -15.68
C PHE A 287 -8.54 2.52 -15.18
N ASN A 288 -9.81 2.74 -14.88
CA ASN A 288 -10.21 3.98 -14.25
C ASN A 288 -9.42 4.17 -12.96
N ALA A 289 -8.92 5.38 -12.73
CA ALA A 289 -8.18 5.70 -11.52
C ALA A 289 -8.89 5.31 -10.20
N SER A 290 -10.22 5.28 -10.20
CA SER A 290 -10.98 4.93 -9.00
C SER A 290 -10.69 3.52 -8.50
N TYR A 291 -10.27 2.64 -9.40
CA TYR A 291 -9.92 1.27 -9.08
C TYR A 291 -8.56 1.13 -8.43
N THR A 292 -7.93 2.25 -8.10
CA THR A 292 -6.61 2.22 -7.46
C THR A 292 -6.71 1.55 -6.10
N THR A 293 -7.83 1.77 -5.41
CA THR A 293 -8.05 1.16 -4.11
C THR A 293 -8.01 -0.38 -4.15
N LEU A 294 -8.10 -0.95 -5.34
CA LEU A 294 -7.99 -2.39 -5.51
C LEU A 294 -6.56 -2.85 -5.73
N ALA A 295 -5.60 -1.94 -5.59
CA ALA A 295 -4.21 -2.27 -5.86
C ALA A 295 -3.32 -2.30 -4.62
N GLU A 296 -3.90 -2.49 -3.44
CA GLU A 296 -3.10 -2.55 -2.22
C GLU A 296 -1.99 -3.61 -2.33
N GLY A 297 -0.79 -3.28 -1.87
CA GLY A 297 0.29 -4.25 -1.78
C GLY A 297 0.85 -4.73 -3.09
N ALA A 298 0.46 -4.06 -4.18
CA ALA A 298 1.00 -4.33 -5.51
C ALA A 298 2.55 -4.49 -5.61
N ASN A 299 3.29 -3.82 -4.73
CA ASN A 299 4.74 -3.92 -4.74
C ASN A 299 5.35 -4.89 -3.70
N ILE A 300 4.54 -5.78 -3.14
CA ILE A 300 5.09 -6.82 -2.27
C ILE A 300 5.89 -7.76 -3.13
N PRO A 301 7.14 -8.05 -2.73
CA PRO A 301 8.07 -8.91 -3.47
C PRO A 301 7.43 -10.26 -3.84
N SER A 302 7.44 -10.58 -5.13
CA SER A 302 6.67 -11.72 -5.65
C SER A 302 6.98 -13.07 -5.00
N LYS A 303 8.21 -13.27 -4.55
CA LYS A 303 8.58 -14.52 -3.88
C LYS A 303 7.73 -14.75 -2.63
N TYR A 304 7.24 -13.68 -2.04
CA TYR A 304 6.45 -13.76 -0.84
C TYR A 304 4.94 -13.84 -1.15
N LEU A 305 4.52 -13.08 -2.15
CA LEU A 305 3.10 -12.95 -2.48
C LEU A 305 2.58 -14.24 -3.10
N ARG A 306 3.46 -14.97 -3.78
CA ARG A 306 3.11 -16.22 -4.45
C ARG A 306 2.42 -17.16 -3.49
N HIS A 307 2.89 -17.09 -2.24
CA HIS A 307 2.37 -17.91 -1.16
C HIS A 307 1.14 -17.30 -0.49
N ARG A 309 -1.31 -14.83 -1.94
CA ARG A 309 -1.97 -14.05 -2.98
C ARG A 309 -2.88 -12.94 -2.46
N ASN A 310 -3.74 -13.26 -1.50
CA ASN A 310 -4.70 -12.28 -0.99
C ASN A 310 -4.12 -11.11 -0.17
N CYS A 311 -2.81 -11.08 0.03
CA CYS A 311 -2.17 -9.87 0.60
C CYS A 311 -2.04 -8.79 -0.48
N GLY A 312 -2.31 -9.22 -1.71
CA GLY A 312 -1.93 -8.48 -2.90
C GLY A 312 -2.93 -7.58 -3.57
N GLY A 313 -4.22 -7.72 -3.30
CA GLY A 313 -5.17 -6.78 -3.92
C GLY A 313 -5.59 -7.17 -5.33
N VAL A 314 -6.89 -7.29 -5.54
CA VAL A 314 -7.45 -7.93 -6.72
C VAL A 314 -7.05 -7.33 -8.08
N ALA A 315 -6.71 -6.05 -8.10
CA ALA A 315 -6.30 -5.37 -9.34
C ALA A 315 -5.17 -6.07 -10.08
N LEU A 316 -4.33 -6.77 -9.34
CA LEU A 316 -3.21 -7.49 -9.92
C LEU A 316 -3.69 -8.59 -10.85
N ASP A 317 -4.70 -9.34 -10.38
CA ASP A 317 -5.26 -10.44 -11.17
C ASP A 317 -6.04 -9.95 -12.37
N LEU A 318 -6.74 -8.84 -12.20
CA LEU A 318 -7.65 -8.35 -13.22
C LEU A 318 -6.84 -7.79 -14.37
N GLY A 320 -3.89 -8.66 -15.09
CA GLY A 320 -3.32 -9.83 -15.71
C GLY A 320 -4.29 -10.44 -16.71
N LYS A 322 -6.79 -8.81 -18.28
CA LYS A 322 -7.04 -7.90 -19.39
C LYS A 322 -5.88 -7.95 -20.38
N ARG A 323 -4.67 -8.03 -19.84
CA ARG A 323 -3.46 -8.01 -20.64
C ARG A 323 -3.38 -9.25 -21.51
N ILE A 324 -3.70 -10.38 -20.91
CA ILE A 324 -3.77 -11.64 -21.63
C ILE A 324 -5.01 -11.72 -22.52
N LYS A 325 -5.97 -10.82 -22.32
CA LYS A 325 -7.15 -10.77 -23.18
C LYS A 325 -6.77 -10.19 -24.54
N ASN A 326 -5.77 -9.32 -24.55
CA ASN A 326 -5.28 -8.71 -25.78
C ASN A 326 -4.09 -9.48 -26.40
N SER A 327 -2.93 -9.40 -25.72
CA SER A 327 -1.74 -10.16 -26.13
C SER A 327 -1.33 -9.88 -27.58
N LYS A 332 -1.92 -17.89 -22.09
CA LYS A 332 -2.66 -18.21 -23.32
C LYS A 332 -3.80 -19.19 -23.05
N SER A 333 -5.01 -18.64 -22.90
CA SER A 333 -6.24 -19.41 -22.71
C SER A 333 -6.30 -20.17 -21.39
N LYS A 334 -5.26 -20.98 -21.11
CA LYS A 334 -5.15 -21.73 -19.87
C LYS A 334 -4.89 -20.81 -18.68
N ILE A 335 -3.97 -19.87 -18.87
CA ILE A 335 -3.65 -18.90 -17.83
C ILE A 335 -4.89 -18.12 -17.42
N PHE A 336 -5.59 -17.58 -18.42
CA PHE A 336 -6.86 -16.88 -18.19
C PHE A 336 -7.79 -17.65 -17.25
N SER A 337 -7.90 -18.97 -17.46
CA SER A 337 -8.71 -19.81 -16.59
C SER A 337 -8.14 -19.94 -15.17
N ILE A 338 -6.83 -19.83 -15.05
CA ILE A 338 -6.19 -19.97 -13.75
C ILE A 338 -6.40 -18.72 -12.93
N ILE A 339 -6.31 -17.58 -13.59
CA ILE A 339 -6.46 -16.31 -12.93
C ILE A 339 -7.92 -16.13 -12.60
N GLN A 340 -8.77 -16.56 -13.53
CA GLN A 340 -10.22 -16.45 -13.35
C GLN A 340 -10.68 -17.20 -12.12
N LYS A 341 -10.12 -18.40 -11.95
CA LYS A 341 -10.44 -19.25 -10.83
C LYS A 341 -10.00 -18.60 -9.53
N LYS A 342 -8.83 -17.96 -9.56
CA LYS A 342 -8.35 -17.27 -8.39
C LYS A 342 -9.26 -16.10 -8.04
N VAL A 343 -9.62 -15.31 -9.04
CA VAL A 343 -10.53 -14.21 -8.81
C VAL A 343 -11.88 -14.70 -8.28
N ARG A 344 -12.41 -15.77 -8.87
CA ARG A 344 -13.70 -16.32 -8.43
C ARG A 344 -13.66 -16.66 -6.96
N GLY A 345 -12.59 -17.32 -6.54
CA GLY A 345 -12.37 -17.63 -5.13
C GLY A 345 -12.22 -16.41 -4.23
N ARG A 346 -11.81 -15.28 -4.78
CA ARG A 346 -11.65 -14.10 -3.95
C ARG A 346 -12.96 -13.37 -3.75
N CYS A 347 -13.95 -13.72 -4.56
CA CYS A 347 -15.27 -13.12 -4.43
C CYS A 347 -15.98 -13.57 -3.17
N ARG A 348 -16.71 -12.64 -2.58
CA ARG A 348 -17.39 -12.86 -1.32
C ARG A 348 -18.88 -12.64 -1.46
N THR A 349 -19.31 -12.22 -2.64
CA THR A 349 -20.71 -12.26 -2.97
C THR A 349 -20.92 -13.07 -4.24
N GLU A 350 -22.10 -13.66 -4.39
CA GLU A 350 -22.38 -14.53 -5.52
C GLU A 350 -22.40 -13.73 -6.80
N GLU A 351 -22.92 -12.51 -6.68
CA GLU A 351 -22.99 -11.60 -7.80
C GLU A 351 -21.63 -11.42 -8.47
N GLN A 352 -20.59 -11.24 -7.66
CA GLN A 352 -19.24 -11.09 -8.18
C GLN A 352 -18.71 -12.39 -8.79
N ARG A 353 -19.12 -13.53 -8.21
CA ARG A 353 -18.68 -14.84 -8.70
C ARG A 353 -19.19 -15.10 -10.12
N LEU A 354 -20.49 -14.93 -10.35
CA LEU A 354 -21.08 -15.05 -11.67
C LEU A 354 -20.42 -14.06 -12.61
N LEU A 355 -20.38 -12.81 -12.17
CA LEU A 355 -19.80 -11.72 -12.95
C LEU A 355 -18.38 -12.08 -13.40
N THR A 356 -17.57 -12.54 -12.46
CA THR A 356 -16.24 -13.07 -12.75
C THR A 356 -16.24 -14.19 -13.81
N SER A 357 -17.14 -15.17 -13.67
CA SER A 357 -17.20 -16.28 -14.61
C SER A 357 -17.69 -15.80 -15.98
N ALA A 358 -18.52 -14.77 -15.96
CA ALA A 358 -19.03 -14.18 -17.18
C ALA A 358 -17.93 -13.64 -18.10
N LEU A 359 -16.74 -13.35 -17.57
CA LEU A 359 -15.64 -12.90 -18.43
C LEU A 359 -15.08 -14.06 -19.23
N LYS A 360 -15.06 -13.90 -20.55
CA LYS A 360 -14.57 -14.94 -21.42
C LYS A 360 -13.60 -14.40 -22.46
N ILE A 361 -12.53 -15.16 -22.69
CA ILE A 361 -11.48 -14.77 -23.62
C ILE A 361 -11.99 -14.59 -25.04
N SER A 362 -13.21 -15.09 -25.30
CA SER A 362 -13.83 -14.98 -26.60
C SER A 362 -14.98 -13.97 -26.62
N ASP A 363 -14.71 -12.76 -26.16
CA ASP A 363 -15.72 -11.70 -26.19
C ASP A 363 -15.17 -10.48 -26.92
N GLY A 364 -16.06 -9.61 -27.36
CA GLY A 364 -15.66 -8.38 -28.03
C GLY A 364 -14.96 -7.48 -27.05
N GLU A 365 -14.27 -6.46 -27.54
CA GLU A 365 -13.59 -5.50 -26.67
C GLU A 365 -14.61 -4.89 -25.71
N ASN A 366 -15.60 -4.20 -26.27
CA ASN A 366 -16.76 -3.78 -25.48
C ASN A 366 -17.46 -5.03 -24.97
N LYS A 367 -18.22 -4.88 -23.89
CA LYS A 367 -18.97 -6.00 -23.30
C LYS A 367 -18.08 -7.06 -22.65
N PHE A 368 -16.77 -6.94 -22.86
CA PHE A 368 -15.83 -7.62 -21.98
C PHE A 368 -15.36 -6.53 -21.04
N GLN A 369 -15.09 -5.36 -21.60
CA GLN A 369 -14.81 -4.19 -20.81
C GLN A 369 -16.01 -3.85 -19.95
N ARG A 370 -17.22 -3.96 -20.50
CA ARG A 370 -18.43 -3.71 -19.71
C ARG A 370 -18.49 -4.64 -18.49
N ILE A 371 -18.25 -5.93 -18.72
CA ILE A 371 -18.24 -6.89 -17.63
C ILE A 371 -17.09 -6.61 -16.67
N ASP A 373 -15.46 -3.88 -16.11
CA ASP A 373 -15.74 -2.65 -15.39
C ASP A 373 -16.77 -2.85 -14.31
N THR A 374 -17.85 -3.54 -14.65
CA THR A 374 -18.88 -3.88 -13.69
C THR A 374 -18.23 -4.60 -12.51
N LEU A 375 -17.39 -5.60 -12.81
CA LEU A 375 -16.72 -6.39 -11.78
C LEU A 375 -15.83 -5.52 -10.87
N CYS A 376 -14.99 -4.70 -11.48
CA CYS A 376 -14.17 -3.74 -10.77
C CYS A 376 -15.01 -2.87 -9.84
N THR A 377 -16.10 -2.32 -10.38
CA THR A 377 -16.98 -1.45 -9.60
C THR A 377 -17.57 -2.22 -8.42
N SER A 378 -17.96 -3.47 -8.65
CA SER A 378 -18.52 -4.29 -7.60
C SER A 378 -17.51 -4.48 -6.48
N PHE A 379 -16.24 -4.59 -6.86
CA PHE A 379 -15.17 -4.78 -5.91
C PHE A 379 -14.98 -3.57 -5.01
N LEU A 380 -15.36 -2.39 -5.49
CA LEU A 380 -15.40 -1.20 -4.65
C LEU A 380 -16.55 -1.27 -3.64
N ILE A 381 -17.65 -1.86 -4.05
CA ILE A 381 -18.76 -2.09 -3.14
C ILE A 381 -18.50 -3.24 -2.14
N ASP A 382 -18.02 -4.38 -2.64
CA ASP A 382 -17.76 -5.55 -1.82
C ASP A 382 -16.35 -6.07 -2.03
N PRO A 383 -15.38 -5.61 -1.20
CA PRO A 383 -13.95 -5.94 -1.37
C PRO A 383 -13.68 -7.44 -1.57
N PRO A 384 -12.64 -7.78 -2.33
CA PRO A 384 -12.20 -9.18 -2.50
C PRO A 384 -11.64 -9.73 -1.19
N ARG A 385 -11.41 -11.04 -1.11
CA ARG A 385 -10.84 -11.64 0.11
C ARG A 385 -9.45 -11.08 0.34
N THR A 386 -9.25 -10.51 1.52
CA THR A 386 -7.99 -9.86 1.83
C THR A 386 -7.35 -10.46 3.07
N THR A 387 -6.10 -10.83 2.96
CA THR A 387 -5.37 -11.29 4.11
C THR A 387 -4.30 -10.25 4.46
N LYS A 388 -3.88 -10.21 5.72
CA LYS A 388 -2.94 -9.21 6.26
C LYS A 388 -2.75 -9.45 7.75
N CYS A 389 -1.72 -8.84 8.32
CA CYS A 389 -1.50 -8.83 9.78
C CYS A 389 -1.51 -7.45 10.40
N PHE A 390 -1.73 -7.42 11.71
CA PHE A 390 -1.73 -6.18 12.46
C PHE A 390 -0.52 -6.14 13.40
N ILE A 391 0.55 -5.49 12.97
CA ILE A 391 1.74 -5.43 13.80
C ILE A 391 2.10 -4.00 14.11
N PRO A 392 2.72 -3.76 15.28
CA PRO A 392 3.24 -2.44 15.65
C PRO A 392 4.38 -2.05 14.72
N PRO A 393 4.81 -0.80 14.75
CA PRO A 393 6.02 -0.41 14.02
C PRO A 393 7.21 -1.33 14.28
N ILE A 394 7.98 -1.56 13.22
CA ILE A 394 9.13 -2.45 13.23
C ILE A 394 10.07 -2.17 14.41
N SER A 395 10.55 -0.93 14.49
CA SER A 395 11.43 -0.51 15.58
C SER A 395 10.84 -0.81 16.95
N SER A 396 9.58 -0.43 17.13
CA SER A 396 8.85 -0.70 18.37
C SER A 396 8.94 -2.19 18.68
N LEU A 397 8.72 -3.00 17.66
CA LEU A 397 8.72 -4.45 17.79
C LEU A 397 10.12 -4.97 18.21
N TYR A 400 10.75 -3.92 21.86
CA TYR A 400 9.90 -4.62 22.80
C TYR A 400 10.49 -5.99 23.08
N ILE A 401 10.93 -6.67 22.02
CA ILE A 401 11.65 -7.93 22.13
C ILE A 401 13.05 -7.78 22.79
N GLN A 402 13.80 -6.74 22.44
CA GLN A 402 15.09 -6.51 23.07
C GLN A 402 14.91 -6.25 24.57
N GLU A 403 13.81 -5.61 24.95
CA GLU A 403 13.60 -5.32 26.37
C GLU A 403 13.29 -6.57 27.19
N GLY A 404 13.16 -7.71 26.53
CA GLY A 404 12.93 -8.98 27.21
C GLY A 404 11.55 -9.56 27.02
N ASN A 405 10.62 -8.79 26.47
CA ASN A 405 9.25 -9.27 26.30
C ASN A 405 9.09 -10.34 25.22
N SER A 406 8.09 -11.20 25.41
CA SER A 406 7.83 -12.32 24.50
C SER A 406 6.57 -12.13 23.66
N VAL A 407 6.68 -12.39 22.36
CA VAL A 407 5.52 -12.28 21.49
C VAL A 407 5.00 -13.63 21.01
N LEU A 408 5.56 -14.71 21.53
CA LEU A 408 5.16 -16.03 21.08
C LEU A 408 3.69 -16.30 21.31
N ALA A 409 3.12 -15.74 22.37
CA ALA A 409 1.72 -15.99 22.68
C ALA A 409 0.79 -14.91 22.12
N ASP A 411 -1.33 -12.69 19.09
CA ASP A 411 -2.08 -12.91 17.86
C ASP A 411 -2.14 -11.60 17.10
N PHE A 412 -1.50 -11.57 15.94
CA PHE A 412 -1.51 -10.35 15.13
C PHE A 412 -2.46 -10.46 13.95
N LYS A 414 -6.00 -11.77 14.30
CA LYS A 414 -7.40 -11.52 14.67
C LYS A 414 -7.78 -10.03 14.77
N ASN A 415 -6.87 -9.21 15.28
CA ASN A 415 -7.08 -7.78 15.40
C ASN A 415 -5.78 -7.07 15.80
N GLY A 416 -5.87 -5.80 16.18
CA GLY A 416 -4.69 -5.04 16.52
C GLY A 416 -4.36 -4.88 18.00
N GLU A 417 -5.02 -5.67 18.85
CA GLU A 417 -4.82 -5.58 20.30
C GLU A 417 -3.37 -5.75 20.76
N ASP A 418 -2.73 -6.82 20.35
CA ASP A 418 -1.37 -7.06 20.73
C ASP A 418 -0.47 -6.02 20.10
N ALA A 419 -0.76 -5.63 18.88
CA ALA A 419 0.01 -4.53 18.26
C ALA A 419 -0.11 -3.25 19.09
N CYS A 420 -1.29 -2.92 19.59
CA CYS A 420 -1.41 -1.72 20.40
C CYS A 420 -0.68 -1.85 21.77
N LYS A 421 -0.69 -3.05 22.35
CA LYS A 421 0.02 -3.30 23.59
C LYS A 421 1.49 -3.05 23.45
N ILE A 422 2.05 -3.45 22.32
CA ILE A 422 3.47 -3.19 22.07
C ILE A 422 3.70 -1.69 21.85
N CYS A 423 2.78 -1.07 21.11
CA CYS A 423 2.82 0.37 20.85
C CYS A 423 2.88 1.18 22.12
N ARG A 424 1.93 0.94 23.02
CA ARG A 424 1.90 1.68 24.28
C ARG A 424 3.19 1.45 25.10
N GLU A 425 3.71 0.23 25.05
CA GLU A 425 4.86 -0.15 25.87
C GLU A 425 6.19 0.44 25.43
N ALA A 426 6.60 0.18 24.19
CA ALA A 426 7.89 0.68 23.71
C ALA A 426 7.91 2.20 23.58
N LYS A 427 9.12 2.72 23.46
CA LYS A 427 9.37 4.14 23.37
C LYS A 427 10.02 4.42 22.01
N LEU A 428 9.21 4.29 20.96
CA LEU A 428 9.62 4.55 19.59
C LEU A 428 10.08 5.99 19.42
N LYS A 429 11.05 6.19 18.56
CA LYS A 429 11.46 7.54 18.20
C LYS A 429 11.40 7.71 16.69
N VAL A 430 11.36 8.96 16.25
CA VAL A 430 11.24 9.22 14.83
C VAL A 430 12.02 10.47 14.44
N GLY A 431 12.49 10.51 13.21
CA GLY A 431 13.10 11.70 12.66
C GLY A 431 12.05 12.51 11.93
N VAL A 432 11.93 13.79 12.27
CA VAL A 432 10.91 14.63 11.65
C VAL A 432 11.48 15.98 11.21
N ASN A 433 10.77 16.64 10.30
CA ASN A 433 11.23 17.89 9.73
C ASN A 433 10.07 18.72 9.15
N SER A 434 10.38 19.75 8.37
CA SER A 434 9.35 20.63 7.82
C SER A 434 8.33 19.90 6.92
N THR A 435 8.83 18.92 6.14
CA THR A 435 7.97 18.23 5.19
C THR A 435 7.42 16.90 5.75
N PHE A 436 8.32 16.09 6.29
CA PHE A 436 7.94 14.88 7.00
C PHE A 436 7.71 15.22 8.48
N THR A 437 6.53 15.76 8.78
CA THR A 437 6.21 16.21 10.15
C THR A 437 5.74 15.07 11.04
N SER A 439 2.83 14.64 12.37
CA SER A 439 1.51 14.18 11.97
C SER A 439 1.58 13.33 10.69
N VAL A 440 2.57 13.62 9.85
CA VAL A 440 2.85 12.75 8.70
C VAL A 440 3.32 11.38 9.16
N ALA A 441 4.30 11.37 10.08
CA ALA A 441 4.84 10.13 10.61
C ALA A 441 3.75 9.30 11.27
N ARG A 442 2.89 9.95 12.04
CA ARG A 442 1.77 9.26 12.69
C ARG A 442 0.81 8.61 11.66
N THR A 443 0.61 9.29 10.54
CA THR A 443 -0.19 8.73 9.44
C THR A 443 0.49 7.50 8.84
N CYS A 444 1.81 7.51 8.77
CA CYS A 444 2.57 6.42 8.17
C CYS A 444 2.53 5.16 9.04
N VAL A 445 2.47 5.39 10.35
CA VAL A 445 2.35 4.36 11.34
C VAL A 445 0.95 3.76 11.26
N ALA A 446 -0.06 4.63 11.25
CA ALA A 446 -1.45 4.21 11.20
C ALA A 446 -1.66 3.31 10.00
N VAL A 447 -1.23 3.79 8.83
CA VAL A 447 -1.38 3.06 7.60
C VAL A 447 -0.72 1.65 7.67
N SER A 448 0.48 1.53 8.22
CA SER A 448 1.08 0.22 8.37
C SER A 448 0.35 -0.69 9.39
N VAL A 450 -2.81 -0.88 9.93
CA VAL A 450 -3.95 -1.48 9.27
C VAL A 450 -3.54 -2.05 7.93
N ALA A 451 -2.25 -1.93 7.62
CA ALA A 451 -1.66 -2.53 6.43
C ALA A 451 -2.37 -2.17 5.12
N THR A 452 -2.81 -0.92 5.01
CA THR A 452 -3.46 -0.47 3.76
C THR A 452 -3.57 1.04 3.65
N ALA A 453 -3.16 1.58 2.50
CA ALA A 453 -3.33 3.02 2.27
C ALA A 453 -4.77 3.39 2.00
N PHE A 454 -5.65 2.40 1.84
CA PHE A 454 -6.99 2.68 1.36
C PHE A 454 -8.03 2.58 2.44
N CYS A 455 -7.57 2.63 3.69
CA CYS A 455 -8.45 2.50 4.85
C CYS A 455 -9.20 3.79 5.06
N SER A 456 -10.37 3.71 5.65
CA SER A 456 -11.12 4.88 6.07
C SER A 456 -10.24 5.87 6.83
N ALA A 457 -10.37 7.15 6.50
CA ALA A 457 -9.64 8.20 7.21
C ALA A 457 -10.09 8.30 8.67
N ASP A 458 -11.39 8.17 8.92
CA ASP A 458 -11.90 8.17 10.29
C ASP A 458 -11.19 7.13 11.12
N ILE A 459 -11.02 5.94 10.54
CA ILE A 459 -10.37 4.84 11.21
C ILE A 459 -8.92 5.19 11.52
N ILE A 460 -8.18 5.58 10.48
CA ILE A 460 -6.81 6.08 10.60
C ILE A 460 -6.70 7.10 11.74
N GLU A 461 -7.58 8.09 11.73
CA GLU A 461 -7.50 9.14 12.75
C GLU A 461 -7.70 8.56 14.15
N ASN A 462 -8.69 7.68 14.32
CA ASN A 462 -8.86 7.07 15.63
C ASN A 462 -7.76 6.03 16.00
N ALA A 463 -7.15 5.44 14.98
CA ALA A 463 -6.16 4.40 15.23
C ALA A 463 -4.90 5.00 15.84
N VAL A 464 -4.37 6.06 15.23
CA VAL A 464 -3.23 6.77 15.79
C VAL A 464 -3.60 8.22 15.88
N PRO A 465 -4.08 8.66 17.06
CA PRO A 465 -4.59 10.03 17.21
C PRO A 465 -3.57 11.03 16.73
N GLY A 466 -4.05 12.11 16.13
CA GLY A 466 -3.16 13.21 15.78
C GLY A 466 -2.54 13.04 14.41
N SER A 467 -2.80 11.90 13.76
CA SER A 467 -2.28 11.73 12.42
C SER A 467 -3.06 12.60 11.44
N GLU A 468 -2.43 12.86 10.30
CA GLU A 468 -3.00 13.68 9.24
C GLU A 468 -4.03 12.89 8.40
N ARG A 469 -5.24 13.43 8.26
CA ARG A 469 -6.34 12.73 7.61
C ARG A 469 -6.42 13.00 6.10
N TYR A 470 -5.71 14.03 5.63
CA TYR A 470 -5.62 14.32 4.19
C TYR A 470 -4.21 14.22 3.61
N ARG A 471 -4.08 13.39 2.60
CA ARG A 471 -2.89 13.25 1.78
C ARG A 471 -2.49 14.61 1.20
N SER A 472 -3.47 15.43 0.88
CA SER A 472 -3.22 16.74 0.31
C SER A 472 -2.41 17.67 1.23
N ASN A 473 -2.67 17.59 2.54
CA ASN A 473 -1.94 18.35 3.55
C ASN A 473 -0.51 17.84 3.79
N ILE A 474 -0.16 16.72 3.18
CA ILE A 474 1.15 16.13 3.37
C ILE A 474 2.13 16.70 2.36
N LYS A 475 3.20 17.31 2.85
CA LYS A 475 4.17 17.97 1.96
C LYS A 475 5.32 17.04 1.52
N ALA A 476 5.60 16.01 2.29
CA ALA A 476 6.66 15.07 1.94
C ALA A 476 6.30 14.26 0.69
N ASN A 477 7.29 13.71 0.03
CA ASN A 477 7.02 12.84 -1.13
C ASN A 477 7.43 11.38 -0.93
N THR A 478 7.87 11.05 0.27
CA THR A 478 8.40 9.73 0.55
C THR A 478 8.77 9.56 2.01
N THR A 479 8.79 8.31 2.44
CA THR A 479 9.12 7.94 3.81
C THR A 479 10.64 7.81 3.96
N LYS A 480 11.33 7.68 2.84
CA LYS A 480 12.76 7.36 2.84
C LYS A 480 13.70 8.58 2.89
N PRO A 481 14.63 8.59 3.85
CA PRO A 481 15.61 9.68 3.98
C PRO A 481 16.48 9.78 2.74
N LYS A 482 16.78 10.98 2.27
CA LYS A 482 17.39 11.08 0.95
C LYS A 482 18.91 11.28 0.95
N LYS A 483 19.54 11.12 2.10
CA LYS A 483 21.00 11.24 2.24
C LYS A 483 21.49 12.68 2.35
N ASP A 484 20.75 13.59 1.74
CA ASP A 484 20.93 15.01 1.98
C ASP A 484 19.94 15.47 3.04
N SER A 485 19.17 14.52 3.58
CA SER A 485 18.07 14.82 4.49
C SER A 485 18.52 15.21 5.90
N THR A 486 17.73 16.04 6.55
CA THR A 486 18.01 16.42 7.93
C THR A 486 16.74 16.29 8.76
N TYR A 487 16.87 15.89 10.02
CA TYR A 487 15.70 15.66 10.85
C TYR A 487 15.91 16.26 12.20
N THR A 488 14.84 16.39 12.96
CA THR A 488 14.95 16.55 14.39
C THR A 488 14.30 15.34 15.04
N ILE A 489 15.11 14.61 15.77
CA ILE A 489 14.69 13.34 16.30
C ILE A 489 13.99 13.49 17.63
N GLN A 490 12.67 13.28 17.61
CA GLN A 490 11.90 13.34 18.83
C GLN A 490 11.02 12.11 19.00
N GLY A 491 10.34 12.06 20.14
CA GLY A 491 9.62 10.88 20.54
C GLY A 491 8.31 10.69 19.81
N LEU A 492 8.07 9.45 19.41
CA LEU A 492 6.81 9.09 18.77
C LEU A 492 5.96 8.31 19.76
N ARG A 493 5.33 9.04 20.68
CA ARG A 493 4.50 8.42 21.70
C ARG A 493 3.26 7.81 21.08
N LEU A 494 2.91 6.60 21.51
CA LEU A 494 1.80 5.87 20.92
C LEU A 494 0.91 5.26 21.98
N SER A 495 0.79 5.92 23.12
CA SER A 495 -0.31 5.59 24.00
C SER A 495 -1.53 6.20 23.34
N ASN A 496 -2.71 5.89 23.83
CA ASN A 496 -3.94 6.35 23.17
C ASN A 496 -4.16 5.80 21.76
N VAL A 497 -3.21 5.00 21.27
CA VAL A 497 -3.39 4.24 20.04
C VAL A 497 -4.62 3.32 20.19
N ARG A 498 -5.21 2.88 19.08
CA ARG A 498 -6.45 2.08 19.10
C ARG A 498 -6.58 1.12 17.93
N TYR A 499 -7.36 0.06 18.10
CA TYR A 499 -7.61 -0.88 17.02
C TYR A 499 -9.10 -1.06 16.78
N GLU A 500 -9.48 -1.36 15.54
CA GLU A 500 -10.89 -1.59 15.22
C GLU A 500 -11.36 -2.98 15.66
N ALA A 501 -12.48 -3.02 16.39
CA ALA A 501 -13.08 -4.30 16.75
C ALA A 501 -13.51 -4.98 15.47
N ARG A 502 -13.28 -6.27 15.40
CA ARG A 502 -13.73 -7.04 14.27
C ARG A 502 -15.22 -7.26 14.44
N PRO A 503 -16.01 -6.87 13.42
CA PRO A 503 -17.48 -6.98 13.54
C PRO A 503 -17.98 -8.42 13.41
N GLU A 504 -19.05 -8.79 14.14
CA GLU A 504 -19.65 -10.12 13.99
C GLU A 504 -21.19 -10.08 13.97
N ASP A 511 -26.99 1.62 11.74
CA ASP A 511 -27.15 2.85 12.51
C ASP A 511 -28.57 3.41 12.47
N ARG A 512 -29.22 3.41 13.63
CA ARG A 512 -30.60 3.87 13.73
C ARG A 512 -30.74 5.40 13.85
N SER A 513 -29.81 6.12 13.24
CA SER A 513 -29.79 7.58 13.36
C SER A 513 -30.77 8.29 12.41
N TRP A 514 -31.40 9.35 12.91
CA TRP A 514 -32.30 10.16 12.11
C TRP A 514 -31.59 11.22 11.28
N GLN A 515 -30.36 11.60 11.65
CA GLN A 515 -29.64 12.68 10.97
C GLN A 515 -29.07 12.26 9.62
N VAL A 516 -29.67 12.76 8.55
CA VAL A 516 -29.29 12.33 7.23
C VAL A 516 -28.64 13.44 6.40
N ASN A 517 -28.47 14.63 6.97
CA ASN A 517 -27.76 15.70 6.29
C ASN A 517 -27.07 16.65 7.25
N VAL A 518 -26.09 17.37 6.74
CA VAL A 518 -25.50 18.43 7.53
C VAL A 518 -25.49 19.69 6.69
N THR A 519 -25.18 20.81 7.34
CA THR A 519 -25.01 22.06 6.64
C THR A 519 -23.57 22.50 6.83
N ASP A 520 -23.17 23.49 6.04
CA ASP A 520 -21.91 24.13 6.33
C ASP A 520 -22.16 25.18 7.42
N SER A 521 -21.16 26.04 7.63
CA SER A 521 -21.26 27.04 8.66
C SER A 521 -22.33 28.08 8.39
N PHE A 522 -22.62 28.33 7.13
CA PHE A 522 -23.51 29.41 6.73
C PHE A 522 -24.95 28.94 6.64
N GLY A 523 -25.12 27.62 6.64
CA GLY A 523 -26.44 27.03 6.48
C GLY A 523 -26.90 27.21 5.04
N GLY A 524 -25.95 27.43 4.15
CA GLY A 524 -26.24 27.69 2.76
C GLY A 524 -26.21 26.44 1.92
N LEU A 525 -25.35 25.52 2.32
CA LEU A 525 -25.05 24.35 1.54
C LEU A 525 -25.29 23.11 2.39
N ALA A 526 -25.85 22.08 1.81
CA ALA A 526 -26.05 20.86 2.58
C ALA A 526 -25.34 19.66 1.96
N VAL A 527 -24.78 18.81 2.82
CA VAL A 527 -24.30 17.51 2.37
C VAL A 527 -25.23 16.49 2.98
N PHE A 528 -25.59 15.49 2.19
CA PHE A 528 -26.65 14.59 2.61
C PHE A 528 -26.40 13.14 2.15
N ASN A 529 -27.05 12.19 2.82
CA ASN A 529 -26.93 10.77 2.48
C ASN A 529 -27.87 10.41 1.30
N GLN A 530 -27.30 10.25 0.12
CA GLN A 530 -28.06 9.93 -1.08
C GLN A 530 -29.08 8.81 -0.89
N GLY A 531 -28.61 7.63 -0.48
CA GLY A 531 -29.46 6.49 -0.21
C GLY A 531 -30.69 6.81 0.63
N ALA A 532 -30.52 7.57 1.71
CA ALA A 532 -31.64 7.95 2.57
C ALA A 532 -32.61 8.91 1.87
N ILE A 533 -32.06 9.83 1.10
CA ILE A 533 -32.84 10.82 0.40
C ILE A 533 -33.68 10.17 -0.69
N ARG A 534 -33.15 9.08 -1.24
CA ARG A 534 -33.82 8.38 -2.32
C ARG A 534 -34.97 7.54 -1.77
N GLU A 535 -34.73 6.94 -0.60
CA GLU A 535 -35.78 6.22 0.12
C GLU A 535 -36.90 7.14 0.53
N LEU A 537 -37.87 9.76 -0.95
CA LEU A 537 -38.62 10.25 -2.10
C LEU A 537 -39.33 9.17 -2.94
N VAL A 549 -26.61 -10.32 -18.13
CA VAL A 549 -25.59 -9.30 -17.93
C VAL A 549 -26.20 -7.95 -17.50
N ARG A 550 -27.32 -7.57 -18.13
CA ARG A 550 -27.99 -6.30 -17.83
C ARG A 550 -28.84 -6.36 -16.56
N ALA A 551 -29.40 -7.54 -16.30
CA ALA A 551 -30.13 -7.77 -15.06
C ALA A 551 -29.17 -7.65 -13.88
N LEU A 552 -27.98 -8.22 -14.04
CA LEU A 552 -26.92 -8.09 -13.06
C LEU A 552 -26.74 -6.62 -12.67
N VAL A 553 -26.41 -5.79 -13.65
CA VAL A 553 -26.16 -4.37 -13.42
C VAL A 553 -27.26 -3.73 -12.59
N LYS A 554 -28.50 -3.92 -13.02
CA LYS A 554 -29.66 -3.39 -12.32
C LYS A 554 -29.70 -3.81 -10.85
N ARG A 555 -29.47 -5.09 -10.58
CA ARG A 555 -29.45 -5.61 -9.22
C ARG A 555 -28.37 -4.94 -8.37
N ILE A 556 -27.15 -4.97 -8.87
CA ILE A 556 -26.00 -4.38 -8.22
C ILE A 556 -26.28 -2.93 -7.84
N LEU A 557 -26.83 -2.19 -8.80
CA LEU A 557 -27.13 -0.79 -8.59
C LEU A 557 -28.17 -0.59 -7.49
N LYS A 558 -29.20 -1.45 -7.49
CA LYS A 558 -30.24 -1.37 -6.48
C LYS A 558 -29.66 -1.69 -5.12
N SER A 559 -28.89 -2.78 -5.05
CA SER A 559 -28.26 -3.26 -3.81
C SER A 559 -27.37 -2.21 -3.18
N ALA A 560 -26.56 -1.58 -4.03
CA ALA A 560 -25.70 -0.47 -3.64
C ALA A 560 -26.49 0.60 -2.93
N SER A 561 -27.56 1.07 -3.57
CA SER A 561 -28.33 2.16 -3.01
C SER A 561 -29.00 1.73 -1.72
N GLU A 562 -29.48 0.48 -1.72
CA GLU A 562 -30.14 -0.07 -0.53
C GLU A 562 -29.19 -0.05 0.66
N ARG A 563 -27.93 -0.41 0.40
CA ARG A 563 -26.91 -0.45 1.44
C ARG A 563 -26.34 0.91 1.86
N SER A 564 -26.16 1.84 0.91
CA SER A 564 -25.56 3.13 1.24
C SER A 564 -26.49 4.05 2.06
N ALA A 565 -27.74 3.63 2.22
CA ALA A 565 -28.75 4.43 2.89
C ALA A 565 -28.54 4.51 4.39
N ARG A 566 -27.87 3.51 4.95
CA ARG A 566 -27.69 3.44 6.39
C ARG A 566 -26.24 3.75 6.73
N ALA A 567 -26.01 4.65 7.67
CA ALA A 567 -24.65 5.03 8.08
C ALA A 567 -23.92 3.86 8.73
N VAL A 568 -22.67 3.63 8.33
CA VAL A 568 -21.92 2.47 8.81
C VAL A 568 -21.09 2.82 10.03
N LYS A 569 -21.30 2.10 11.12
CA LYS A 569 -20.53 2.39 12.31
C LYS A 569 -19.64 1.25 12.76
N THR A 570 -18.59 1.59 13.49
CA THR A 570 -17.63 0.59 13.92
C THR A 570 -17.00 0.99 15.27
N PHE A 571 -16.41 0.04 15.99
CA PHE A 571 -15.90 0.34 17.31
C PHE A 571 -14.39 0.38 17.31
N VAL A 573 -11.21 0.25 19.83
CA VAL A 573 -11.00 -0.35 21.13
C VAL A 573 -9.71 0.15 21.79
N GLY A 574 -9.84 0.72 22.98
CA GLY A 574 -8.70 1.03 23.82
C GLY A 574 -8.71 0.10 25.03
N GLU A 575 -7.67 0.13 25.83
CA GLU A 575 -7.65 -0.67 27.05
C GLU A 575 -8.66 -0.13 28.06
N GLN A 576 -8.98 1.14 27.96
CA GLN A 576 -9.95 1.76 28.85
C GLN A 576 -11.39 1.44 28.43
N GLY A 577 -11.55 0.86 27.24
CA GLY A 577 -12.87 0.50 26.76
C GLY A 577 -13.08 0.54 25.25
N LYS A 578 -14.33 0.68 24.83
CA LYS A 578 -14.72 0.55 23.43
C LYS A 578 -15.56 1.75 23.00
N SER A 579 -15.36 2.22 21.77
CA SER A 579 -16.03 3.46 21.32
C SER A 579 -16.49 3.45 19.90
N ALA A 580 -17.76 3.74 19.69
CA ALA A 580 -18.31 3.79 18.32
C ALA A 580 -17.85 5.00 17.51
N ILE A 581 -17.48 4.75 16.25
CA ILE A 581 -17.30 5.83 15.26
C ILE A 581 -18.05 5.45 14.00
N VAL A 582 -18.30 6.45 13.15
CA VAL A 582 -18.91 6.23 11.84
C VAL A 582 -17.86 6.22 10.72
N ILE A 583 -17.88 5.18 9.91
CA ILE A 583 -17.04 5.20 8.71
C ILE A 583 -17.78 6.05 7.66
N SER A 584 -17.27 7.26 7.43
CA SER A 584 -17.95 8.25 6.61
C SER A 584 -17.87 7.95 5.12
N GLY A 585 -16.79 7.32 4.71
CA GLY A 585 -16.53 7.07 3.32
C GLY A 585 -15.37 7.93 2.85
N VAL A 586 -15.06 8.99 3.60
CA VAL A 586 -13.90 9.79 3.27
C VAL A 586 -12.64 8.97 3.56
N GLY A 587 -11.64 9.10 2.70
CA GLY A 587 -10.40 8.45 2.99
C GLY A 587 -9.25 9.43 2.80
N LEU A 588 -8.06 8.87 2.86
CA LEU A 588 -6.87 9.54 2.39
C LEU A 588 -7.13 9.70 0.88
N PHE A 589 -6.44 10.60 0.20
CA PHE A 589 -6.71 10.85 -1.25
C PHE A 589 -8.07 11.40 -1.62
N SER A 590 -8.84 11.85 -0.64
CA SER A 590 -10.22 12.29 -0.93
C SER A 590 -10.21 13.74 -1.44
N ILE A 591 -9.08 14.41 -1.24
CA ILE A 591 -8.81 15.71 -1.85
C ILE A 591 -7.65 15.54 -2.83
N ASP A 592 -7.89 15.93 -4.08
CA ASP A 592 -6.88 15.84 -5.16
C ASP A 592 -6.46 17.22 -5.65
N PHE A 593 -5.16 17.43 -5.90
CA PHE A 593 -4.14 16.40 -5.76
C PHE A 593 -2.84 17.00 -5.22
#